data_1RRR
#
_entry.id   1RRR
#
_cell.length_a   1.000
_cell.length_b   1.000
_cell.length_c   1.000
_cell.angle_alpha   90.00
_cell.angle_beta   90.00
_cell.angle_gamma   90.00
#
_symmetry.space_group_name_H-M   'P 1'
#
loop_
_entity.id
_entity.type
_entity.pdbx_description
1 polymer "RNA (5'-R(*GP*AP*AP*GP*AP*GP*AP*AP*GP*C)-3')"
2 polymer "RNA (5'-R(*GP*CP*UP*UP*CP*UP*CP*UP*UP*C)-3')"
#
loop_
_entity_poly.entity_id
_entity_poly.type
_entity_poly.pdbx_seq_one_letter_code
_entity_poly.pdbx_strand_id
1 'polyribonucleotide' GAAGAGAAGC A
2 'polyribonucleotide' GCUUCUCUUC B
#